data_7R9G
#
_entry.id   7R9G
#
_cell.length_a   104.195
_cell.length_b   98.344
_cell.length_c   72.239
_cell.angle_alpha   90.000
_cell.angle_beta   102.800
_cell.angle_gamma   90.000
#
_symmetry.space_group_name_H-M   'C 1 2 1'
#
loop_
_entity.id
_entity.type
_entity.pdbx_description
1 polymer 'tRNA pseudouridine synthase 1'
2 polymer "RNA (5'-R(*AP*AP*AP*UP*CP*GP*GP*GP*AP*UP*UP*CP*CP*GP*GP*AP*UP*A)-3')"
3 non-polymer 'SULFATE ION'
4 non-polymer 'CHLORIDE ION'
5 water water
#
loop_
_entity_poly.entity_id
_entity_poly.type
_entity_poly.pdbx_seq_one_letter_code
_entity_poly.pdbx_strand_id
1 'polypeptide(L)'
;MSEENLRPAYDDQVNEDVYKRGAQSKLTKARKADFDDEKDKKKDNDKHIDKRPKSGPRLDENGNPLPKEPRLPKRKVAVM
VGYCGTGYHGMQYNPPNPTIESALFKAFVEAGAISKDNSNDLKKNGFMRAARTAKGVHAGGNLISLKMIIEDPDIKQKIN
EKLPEGIRVWDIERVNKAFDCRKMCSSRWYEYLLPTYSLIGPKPGSILYRDIEESKTELPGVLDEDLESKEFWEEFKKDA
NEKFSTEEIEAILAYVPPARDEFDINEELYQKVKKYKQLENAHRRRYRISAAKLAKFRASTSQYLGAHNFHNFTLGKDFK
EPSAIRFMKDIKVSDPFVIGDAQTEWISIKIHGQSFMLHQIRKMVSMATLITRCGCPVERISQAYGQQKINIPKAPALGL
LLEAPVFEGYNKRLEQFGYKAIDFSKYQDEVDKFKMKHIYDKIYKEEVDENVFNAFFSYIDSFNKVTGAQGEETADKSGP
AVQKSIFEFLTAKGIPGLTDAPESNKKIKQRKRMEEEEAASKKAEISSTTQSNEPEVQPEAAAN
;
A
2 'polyribonucleotide' AAAUCGGGAUUCCGGAUA B
#
loop_
_chem_comp.id
_chem_comp.type
_chem_comp.name
_chem_comp.formula
A RNA linking ADENOSINE-5'-MONOPHOSPHATE 'C10 H14 N5 O7 P'
C RNA linking CYTIDINE-5'-MONOPHOSPHATE 'C9 H14 N3 O8 P'
CL non-polymer 'CHLORIDE ION' 'Cl -1'
G RNA linking GUANOSINE-5'-MONOPHOSPHATE 'C10 H14 N5 O8 P'
SO4 non-polymer 'SULFATE ION' 'O4 S -2'
U RNA linking URIDINE-5'-MONOPHOSPHATE 'C9 H13 N2 O9 P'
#
# COMPACT_ATOMS: atom_id res chain seq x y z
N ARG A 71 33.20 5.15 -27.52
CA ARG A 71 32.51 4.04 -26.87
C ARG A 71 33.13 3.75 -25.51
N LEU A 72 32.47 4.23 -24.45
CA LEU A 72 32.95 4.07 -23.10
C LEU A 72 32.74 2.64 -22.60
N PRO A 73 33.48 2.23 -21.58
CA PRO A 73 33.25 0.91 -21.00
C PRO A 73 32.01 0.89 -20.11
N LYS A 74 31.46 -0.32 -19.93
CA LYS A 74 30.27 -0.53 -19.14
C LYS A 74 30.52 -1.62 -18.12
N ARG A 75 30.18 -1.35 -16.87
CA ARG A 75 30.28 -2.32 -15.79
C ARG A 75 28.88 -2.67 -15.28
N LYS A 76 28.71 -3.94 -14.88
CA LYS A 76 27.44 -4.41 -14.36
C LYS A 76 27.30 -3.94 -12.92
N VAL A 77 26.32 -3.07 -12.68
CA VAL A 77 26.12 -2.47 -11.37
C VAL A 77 24.66 -2.57 -10.97
N ALA A 78 24.44 -2.36 -9.69
CA ALA A 78 23.15 -2.36 -9.12
C ALA A 78 22.87 -0.93 -8.75
N VAL A 79 21.65 -0.46 -8.96
CA VAL A 79 21.29 0.89 -8.63
C VAL A 79 20.14 0.91 -7.65
N MET A 80 20.32 1.62 -6.57
CA MET A 80 19.33 1.72 -5.54
C MET A 80 18.53 2.98 -5.72
N VAL A 81 17.24 2.85 -5.82
CA VAL A 81 16.42 3.99 -6.10
C VAL A 81 15.21 4.09 -5.24
N GLY A 82 14.59 5.25 -5.25
CA GLY A 82 13.32 5.39 -4.57
C GLY A 82 12.44 6.31 -5.38
N TYR A 83 11.13 6.17 -5.18
CA TYR A 83 10.21 6.92 -6.02
C TYR A 83 8.81 6.95 -5.43
N CYS A 84 8.10 8.04 -5.73
CA CYS A 84 6.65 8.08 -5.60
C CYS A 84 6.04 7.54 -6.89
N GLY A 85 5.16 6.56 -6.76
CA GLY A 85 4.60 5.91 -7.93
C GLY A 85 3.39 6.58 -8.56
N THR A 86 2.96 7.72 -8.02
CA THR A 86 1.77 8.39 -8.54
C THR A 86 2.04 8.94 -9.94
N GLY A 87 1.10 8.73 -10.84
CA GLY A 87 1.23 9.20 -12.21
C GLY A 87 2.06 8.32 -13.11
N TYR A 88 2.58 7.21 -12.61
CA TYR A 88 3.38 6.29 -13.41
C TYR A 88 2.68 4.94 -13.48
N HIS A 89 2.94 4.21 -14.56
CA HIS A 89 2.33 2.90 -14.78
C HIS A 89 3.21 1.78 -14.25
N GLY A 90 3.66 1.91 -13.01
CA GLY A 90 4.47 0.89 -12.38
C GLY A 90 5.95 1.07 -12.64
N MET A 91 6.72 0.11 -12.11
CA MET A 91 8.18 0.17 -12.22
C MET A 91 8.64 -0.31 -13.59
N GLN A 92 8.18 -1.48 -14.03
CA GLN A 92 8.69 -2.10 -15.23
C GLN A 92 8.49 -1.22 -16.46
N TYR A 93 9.51 -1.10 -17.27
CA TYR A 93 9.48 -0.32 -18.46
C TYR A 93 8.41 -0.83 -19.38
N ASN A 94 7.48 0.03 -19.76
CA ASN A 94 6.35 -0.38 -20.60
C ASN A 94 5.78 0.72 -21.49
N PRO A 95 6.45 1.06 -22.57
CA PRO A 95 6.04 2.05 -23.54
C PRO A 95 4.72 1.73 -24.13
N PRO A 96 3.90 2.73 -24.33
CA PRO A 96 4.26 4.12 -24.40
C PRO A 96 3.93 4.87 -23.17
N ASN A 97 3.45 4.21 -22.16
CA ASN A 97 3.13 4.88 -20.95
C ASN A 97 4.29 5.00 -20.06
N PRO A 98 4.44 6.16 -19.45
CA PRO A 98 5.51 6.50 -18.54
C PRO A 98 5.57 5.59 -17.37
N THR A 99 6.74 5.11 -17.15
CA THR A 99 7.02 4.24 -16.02
C THR A 99 8.24 4.77 -15.27
N ILE A 100 8.48 4.22 -14.09
CA ILE A 100 9.66 4.60 -13.33
C ILE A 100 10.93 4.31 -14.12
N GLU A 101 10.96 3.18 -14.82
CA GLU A 101 12.16 2.79 -15.54
C GLU A 101 12.39 3.65 -16.78
N SER A 102 11.33 4.12 -17.43
CA SER A 102 11.52 5.01 -18.58
C SER A 102 12.10 6.35 -18.15
N ALA A 103 11.62 6.90 -17.03
CA ALA A 103 12.22 8.12 -16.50
C ALA A 103 13.65 7.88 -16.06
N LEU A 104 13.92 6.74 -15.44
CA LEU A 104 15.29 6.40 -15.06
C LEU A 104 16.20 6.33 -16.28
N PHE A 105 15.71 5.74 -17.37
CA PHE A 105 16.53 5.62 -18.58
C PHE A 105 16.75 6.97 -19.24
N LYS A 106 15.72 7.83 -19.23
CA LYS A 106 15.91 9.18 -19.75
C LYS A 106 16.97 9.93 -18.97
N ALA A 107 16.92 9.83 -17.63
CA ALA A 107 17.95 10.47 -16.82
C ALA A 107 19.33 9.86 -17.07
N PHE A 108 19.37 8.55 -17.26
CA PHE A 108 20.64 7.87 -17.53
C PHE A 108 21.26 8.39 -18.83
N VAL A 109 20.44 8.51 -19.87
CA VAL A 109 20.93 9.00 -21.16
C VAL A 109 21.38 10.46 -21.03
N GLU A 110 20.57 11.29 -20.37
CA GLU A 110 20.90 12.70 -20.24
C GLU A 110 22.09 12.94 -19.32
N ALA A 111 22.46 11.97 -18.49
CA ALA A 111 23.59 12.11 -17.59
C ALA A 111 24.85 11.41 -18.08
N GLY A 112 24.75 10.60 -19.13
CA GLY A 112 25.89 9.87 -19.64
C GLY A 112 26.06 8.47 -19.07
N ALA A 113 25.05 7.94 -18.38
CA ALA A 113 25.15 6.60 -17.81
C ALA A 113 25.01 5.53 -18.89
N ILE A 114 24.18 5.76 -19.90
CA ILE A 114 24.04 4.85 -21.03
C ILE A 114 24.05 5.68 -22.30
N SER A 115 24.05 4.99 -23.44
CA SER A 115 24.13 5.63 -24.75
C SER A 115 22.96 5.17 -25.61
N LYS A 116 22.87 5.76 -26.81
CA LYS A 116 21.83 5.44 -27.78
C LYS A 116 20.43 5.61 -27.21
N LYS A 123 16.58 -5.13 -26.06
CA LYS A 123 16.70 -5.25 -24.62
C LYS A 123 17.94 -4.53 -24.19
N LYS A 124 18.01 -4.17 -22.91
CA LYS A 124 19.14 -3.42 -22.42
C LYS A 124 20.24 -4.28 -21.84
N ASN A 125 20.63 -5.32 -22.57
CA ASN A 125 21.67 -6.26 -22.16
C ASN A 125 21.75 -6.63 -20.68
N GLY A 126 20.81 -7.43 -20.25
CA GLY A 126 20.82 -7.90 -18.89
C GLY A 126 20.15 -7.03 -17.88
N PHE A 127 19.16 -6.25 -18.29
CA PHE A 127 18.45 -5.41 -17.35
C PHE A 127 17.63 -6.20 -16.36
N MET A 128 17.65 -5.81 -15.09
CA MET A 128 16.91 -6.50 -14.07
C MET A 128 16.34 -5.59 -13.02
N ARG A 129 15.23 -6.02 -12.42
CA ARG A 129 14.51 -5.31 -11.38
C ARG A 129 14.28 -6.20 -10.23
N ALA A 130 14.27 -5.69 -9.04
CA ALA A 130 14.03 -6.55 -7.91
C ALA A 130 12.57 -6.73 -7.69
N ALA A 131 11.79 -5.68 -7.84
CA ALA A 131 10.36 -5.78 -7.63
C ALA A 131 9.62 -4.96 -8.68
N ARG A 132 8.59 -5.57 -9.27
CA ARG A 132 7.73 -4.89 -10.24
C ARG A 132 6.57 -4.25 -9.49
N THR A 133 6.84 -3.10 -8.88
CA THR A 133 5.80 -2.38 -8.17
C THR A 133 4.71 -1.96 -9.15
N ALA A 134 3.46 -2.13 -8.73
CA ALA A 134 2.31 -1.98 -9.62
C ALA A 134 2.01 -0.49 -9.85
N LYS A 135 0.93 -0.25 -10.59
CA LYS A 135 0.50 1.10 -10.93
C LYS A 135 0.21 1.92 -9.68
N GLY A 136 0.93 3.03 -9.52
CA GLY A 136 0.76 3.91 -8.38
C GLY A 136 1.50 3.51 -7.12
N VAL A 137 2.10 2.33 -7.09
CA VAL A 137 2.80 1.86 -5.91
C VAL A 137 4.13 2.58 -5.78
N HIS A 138 4.38 3.16 -4.61
CA HIS A 138 5.64 3.85 -4.35
C HIS A 138 6.70 2.86 -3.92
N ALA A 139 7.89 3.37 -3.59
CA ALA A 139 8.96 2.55 -3.05
C ALA A 139 9.98 3.44 -2.37
N GLY A 140 10.15 3.28 -1.07
CA GLY A 140 11.27 3.91 -0.40
C GLY A 140 12.59 3.36 -0.90
N GLY A 141 12.62 2.10 -1.30
CA GLY A 141 13.81 1.49 -1.85
C GLY A 141 13.51 0.37 -2.83
N ASN A 142 14.07 0.47 -4.02
CA ASN A 142 13.98 -0.55 -5.04
C ASN A 142 15.35 -0.64 -5.71
N LEU A 143 15.65 -1.76 -6.31
CA LEU A 143 16.90 -1.95 -6.94
C LEU A 143 16.80 -2.50 -8.33
N ILE A 144 17.71 -2.12 -9.19
CA ILE A 144 17.80 -2.63 -10.54
C ILE A 144 19.23 -2.98 -10.82
N SER A 145 19.44 -3.77 -11.82
CA SER A 145 20.77 -4.23 -12.21
C SER A 145 20.93 -4.04 -13.71
N LEU A 146 22.04 -3.42 -14.12
CA LEU A 146 22.28 -3.16 -15.53
C LEU A 146 23.74 -2.79 -15.74
N LYS A 147 24.16 -2.83 -17.00
CA LYS A 147 25.51 -2.44 -17.38
C LYS A 147 25.51 -0.94 -17.66
N MET A 148 26.13 -0.18 -16.76
CA MET A 148 26.16 1.27 -16.84
C MET A 148 27.57 1.76 -17.19
N ILE A 149 27.67 3.05 -17.51
CA ILE A 149 28.98 3.69 -17.75
C ILE A 149 29.30 4.40 -16.42
N ILE A 150 30.28 3.89 -15.68
CA ILE A 150 30.57 4.45 -14.33
C ILE A 150 31.77 5.39 -14.42
N GLU A 151 32.17 5.78 -15.63
CA GLU A 151 33.39 6.60 -15.77
C GLU A 151 33.25 7.91 -15.00
N ASP A 152 32.08 8.53 -15.01
CA ASP A 152 31.95 9.82 -14.34
C ASP A 152 31.94 9.64 -12.83
N PRO A 153 32.87 10.28 -12.09
CA PRO A 153 32.83 10.16 -10.63
C PRO A 153 31.66 10.89 -9.99
N ASP A 154 30.99 11.78 -10.73
CA ASP A 154 29.80 12.47 -10.25
C ASP A 154 28.55 12.03 -11.02
N ILE A 155 28.50 10.75 -11.42
CA ILE A 155 27.41 10.29 -12.27
C ILE A 155 26.09 10.24 -11.50
N LYS A 156 26.14 9.92 -10.20
CA LYS A 156 24.91 9.84 -9.41
C LYS A 156 24.23 11.20 -9.34
N GLN A 157 25.01 12.25 -9.06
CA GLN A 157 24.45 13.59 -8.99
C GLN A 157 23.92 14.05 -10.34
N LYS A 158 24.59 13.66 -11.43
CA LYS A 158 24.09 14.01 -12.76
C LYS A 158 22.75 13.34 -13.04
N ILE A 159 22.65 12.05 -12.75
CA ILE A 159 21.38 11.33 -12.93
C ILE A 159 20.29 11.97 -12.08
N ASN A 160 20.61 12.31 -10.84
CA ASN A 160 19.61 12.92 -9.95
C ASN A 160 19.20 14.31 -10.44
N GLU A 161 20.13 15.06 -11.03
CA GLU A 161 19.76 16.34 -11.64
C GLU A 161 18.86 16.14 -12.84
N LYS A 162 19.06 15.05 -13.59
CA LYS A 162 18.24 14.78 -14.76
C LYS A 162 16.92 14.08 -14.43
N LEU A 163 16.67 13.77 -13.14
CA LEU A 163 15.46 13.06 -12.73
C LEU A 163 14.41 14.05 -12.19
N PRO A 164 13.13 13.71 -12.31
CA PRO A 164 12.10 14.51 -11.65
C PRO A 164 12.20 14.38 -10.14
N GLU A 165 11.53 15.31 -9.44
CA GLU A 165 11.68 15.40 -8.00
C GLU A 165 11.17 14.15 -7.29
N GLY A 166 10.23 13.43 -7.90
CA GLY A 166 9.66 12.25 -7.29
C GLY A 166 10.41 10.96 -7.47
N ILE A 167 11.56 10.99 -8.12
CA ILE A 167 12.35 9.81 -8.31
C ILE A 167 13.77 10.10 -7.94
N ARG A 168 14.40 9.24 -7.16
CA ARG A 168 15.76 9.47 -6.78
C ARG A 168 16.60 8.25 -6.83
N VAL A 169 17.86 8.41 -7.09
CA VAL A 169 18.78 7.32 -7.08
C VAL A 169 19.54 7.41 -5.80
N TRP A 170 19.44 6.42 -4.95
CA TRP A 170 20.12 6.45 -3.67
C TRP A 170 21.60 6.16 -3.83
N ASP A 171 21.95 5.18 -4.68
CA ASP A 171 23.34 4.76 -4.76
C ASP A 171 23.55 3.90 -6.00
N ILE A 172 24.83 3.67 -6.33
CA ILE A 172 25.25 2.78 -7.40
C ILE A 172 26.41 1.95 -6.88
N GLU A 173 26.31 0.62 -6.98
CA GLU A 173 27.33 -0.27 -6.44
C GLU A 173 27.61 -1.41 -7.41
N ARG A 174 28.89 -1.75 -7.57
CA ARG A 174 29.26 -2.84 -8.45
C ARG A 174 28.78 -4.17 -7.89
N VAL A 175 28.39 -5.08 -8.79
CA VAL A 175 27.92 -6.40 -8.41
C VAL A 175 28.62 -7.44 -9.29
N ASN A 176 28.59 -8.69 -8.83
CA ASN A 176 29.23 -9.77 -9.55
C ASN A 176 28.43 -10.11 -10.81
N LYS A 177 29.05 -10.88 -11.69
CA LYS A 177 28.44 -11.20 -12.98
C LYS A 177 27.16 -12.01 -12.81
N ALA A 178 27.12 -12.89 -11.82
CA ALA A 178 25.96 -13.74 -11.60
C ALA A 178 24.85 -13.05 -10.82
N PHE A 179 24.96 -11.75 -10.57
CA PHE A 179 23.96 -11.05 -9.78
C PHE A 179 22.62 -11.03 -10.50
N ASP A 180 21.56 -11.31 -9.73
CA ASP A 180 20.20 -11.42 -10.25
C ASP A 180 19.28 -10.76 -9.23
N CYS A 181 18.67 -9.63 -9.63
CA CYS A 181 17.89 -8.82 -8.70
C CYS A 181 16.85 -9.65 -7.96
N ARG A 182 16.11 -10.48 -8.70
CA ARG A 182 14.96 -11.17 -8.15
C ARG A 182 15.32 -12.49 -7.48
N LYS A 183 16.28 -13.23 -8.03
CA LYS A 183 16.61 -14.55 -7.48
C LYS A 183 17.43 -14.45 -6.20
N MET A 184 18.18 -13.36 -6.01
CA MET A 184 18.95 -13.14 -4.79
C MET A 184 18.22 -12.28 -3.77
N CYS A 185 16.92 -12.03 -3.98
CA CYS A 185 16.13 -11.26 -3.03
C CYS A 185 15.62 -12.22 -1.95
N SER A 186 16.13 -12.08 -0.74
CA SER A 186 15.80 -13.01 0.33
C SER A 186 14.45 -12.71 0.96
N SER A 187 14.10 -11.43 1.09
CA SER A 187 12.84 -11.04 1.70
C SER A 187 12.48 -9.64 1.21
N ARG A 188 11.31 -9.16 1.64
CA ARG A 188 10.81 -7.86 1.24
C ARG A 188 10.09 -7.19 2.41
N TRP A 189 10.33 -5.89 2.55
CA TRP A 189 9.62 -5.04 3.49
C TRP A 189 8.65 -4.16 2.71
N TYR A 190 7.40 -4.15 3.15
CA TYR A 190 6.39 -3.27 2.55
C TYR A 190 5.79 -2.39 3.64
N GLU A 191 5.38 -1.18 3.26
CA GLU A 191 4.72 -0.26 4.17
C GLU A 191 3.41 0.17 3.55
N TYR A 192 2.34 0.18 4.33
CA TYR A 192 1.05 0.67 3.87
C TYR A 192 0.59 1.77 4.81
N LEU A 193 0.25 2.92 4.24
CA LEU A 193 -0.28 4.06 4.99
C LEU A 193 -1.79 4.03 4.88
N LEU A 194 -2.46 3.91 6.02
CA LEU A 194 -3.91 3.80 6.03
C LEU A 194 -4.51 4.88 6.90
N PRO A 195 -5.48 5.66 6.41
CA PRO A 195 -6.17 6.62 7.27
C PRO A 195 -7.01 5.88 8.32
N THR A 196 -6.91 6.34 9.57
CA THR A 196 -7.59 5.63 10.64
C THR A 196 -9.11 5.63 10.49
N TYR A 197 -9.67 6.60 9.77
CA TYR A 197 -11.11 6.59 9.58
C TYR A 197 -11.57 5.46 8.65
N SER A 198 -10.63 4.74 8.03
CA SER A 198 -10.99 3.54 7.30
C SER A 198 -11.46 2.43 8.22
N LEU A 199 -11.12 2.50 9.50
CA LEU A 199 -11.51 1.49 10.48
C LEU A 199 -12.85 1.81 11.15
N ILE A 200 -13.46 2.94 10.83
CA ILE A 200 -14.81 3.22 11.29
C ILE A 200 -15.78 2.26 10.60
N GLY A 201 -16.80 1.83 11.34
CA GLY A 201 -17.81 0.95 10.78
C GLY A 201 -18.52 1.54 9.59
N PRO A 202 -19.15 0.70 8.78
CA PRO A 202 -19.85 1.20 7.60
C PRO A 202 -20.98 2.15 7.97
N LYS A 203 -21.30 3.06 7.05
CA LYS A 203 -22.27 4.10 7.32
C LYS A 203 -23.67 3.50 7.46
N PRO A 204 -24.45 3.94 8.45
CA PRO A 204 -25.85 3.49 8.54
C PRO A 204 -26.62 3.91 7.30
N GLY A 205 -27.21 2.92 6.64
CA GLY A 205 -27.84 3.11 5.34
C GLY A 205 -27.18 2.32 4.23
N SER A 206 -25.97 1.81 4.45
CA SER A 206 -25.29 0.99 3.47
C SER A 206 -25.74 -0.46 3.58
N ILE A 207 -25.57 -1.21 2.49
CA ILE A 207 -25.97 -2.61 2.48
C ILE A 207 -25.12 -3.41 3.46
N LEU A 208 -23.84 -3.08 3.59
CA LEU A 208 -22.99 -3.79 4.54
C LEU A 208 -23.42 -3.52 5.97
N TYR A 209 -23.75 -2.26 6.29
CA TYR A 209 -24.26 -1.96 7.63
C TYR A 209 -25.57 -2.68 7.90
N ARG A 210 -26.45 -2.74 6.90
CA ARG A 210 -27.73 -3.44 7.07
C ARG A 210 -27.50 -4.93 7.31
N ASP A 211 -26.58 -5.54 6.56
CA ASP A 211 -26.35 -6.97 6.69
C ASP A 211 -25.62 -7.31 7.98
N ILE A 212 -24.77 -6.40 8.47
CA ILE A 212 -24.05 -6.66 9.71
C ILE A 212 -24.94 -6.44 10.92
N GLU A 213 -25.73 -5.36 10.92
CA GLU A 213 -26.62 -5.10 12.04
C GLU A 213 -27.73 -6.13 12.12
N GLU A 214 -28.17 -6.58 10.97
CA GLU A 214 -29.18 -7.59 10.94
C GLU A 214 -28.56 -8.93 11.07
N SER A 215 -27.47 -9.01 11.76
CA SER A 215 -26.88 -10.30 12.01
C SER A 215 -27.11 -10.47 13.49
N LYS A 216 -28.38 -10.53 13.86
CA LYS A 216 -28.85 -10.72 15.21
C LYS A 216 -29.51 -12.06 15.15
N THR A 217 -29.51 -12.69 13.99
CA THR A 217 -29.90 -14.09 13.97
C THR A 217 -28.88 -15.00 14.65
N GLU A 218 -27.67 -14.48 14.92
CA GLU A 218 -26.62 -15.21 15.65
C GLU A 218 -25.93 -14.19 16.56
N LEU A 219 -26.60 -13.84 17.64
CA LEU A 219 -26.05 -12.89 18.61
C LEU A 219 -24.87 -13.50 19.35
N VAL A 222 -21.23 -12.72 18.80
CA VAL A 222 -20.23 -13.10 17.82
C VAL A 222 -19.52 -11.85 17.29
N LEU A 223 -20.30 -10.82 16.95
CA LEU A 223 -19.78 -9.55 16.47
C LEU A 223 -19.70 -8.52 17.58
N ASP A 224 -18.75 -7.61 17.42
CA ASP A 224 -18.57 -6.55 18.39
C ASP A 224 -19.71 -5.54 18.29
N GLU A 225 -19.78 -4.67 19.28
CA GLU A 225 -20.81 -3.63 19.30
C GLU A 225 -20.32 -2.33 18.68
N ASP A 226 -19.09 -1.92 18.99
CA ASP A 226 -18.45 -0.77 18.36
C ASP A 226 -19.28 0.50 18.56
N LEU A 227 -19.47 0.87 19.84
CA LEU A 227 -20.15 2.11 20.15
C LEU A 227 -19.37 3.33 19.65
N GLU A 228 -18.10 3.16 19.33
CA GLU A 228 -17.29 4.26 18.81
C GLU A 228 -17.77 4.70 17.43
N SER A 229 -17.99 3.74 16.52
CA SER A 229 -18.51 4.09 15.20
C SER A 229 -19.93 4.63 15.30
N LYS A 230 -20.74 4.08 16.21
CA LYS A 230 -22.08 4.61 16.43
C LYS A 230 -22.01 6.07 16.87
N GLU A 231 -21.12 6.38 17.80
CA GLU A 231 -20.98 7.76 18.27
C GLU A 231 -20.53 8.68 17.14
N PHE A 232 -19.60 8.21 16.31
CA PHE A 232 -19.12 9.01 15.18
C PHE A 232 -20.26 9.35 14.22
N TRP A 233 -20.99 8.32 13.79
CA TRP A 233 -22.06 8.53 12.83
C TRP A 233 -23.20 9.36 13.42
N GLU A 234 -23.46 9.21 14.72
CA GLU A 234 -24.54 9.99 15.32
C GLU A 234 -24.13 11.43 15.56
N GLU A 235 -22.86 11.70 15.86
CA GLU A 235 -22.41 13.09 15.88
C GLU A 235 -22.47 13.70 14.48
N PHE A 236 -22.15 12.92 13.45
CA PHE A 236 -22.30 13.42 12.09
C PHE A 236 -23.77 13.71 11.77
N LYS A 237 -24.68 12.86 12.24
CA LYS A 237 -26.10 13.08 12.00
C LYS A 237 -26.59 14.32 12.72
N LYS A 238 -26.12 14.55 13.96
CA LYS A 238 -26.49 15.75 14.69
C LYS A 238 -25.94 17.00 14.03
N ASP A 239 -24.72 16.92 13.47
CA ASP A 239 -24.13 18.07 12.80
C ASP A 239 -24.81 18.34 11.46
N ALA A 240 -25.25 17.29 10.76
CA ALA A 240 -25.87 17.48 9.45
C ALA A 240 -27.26 18.10 9.58
N ASN A 241 -27.96 17.65 10.58
CA ASN A 241 -29.27 18.12 10.84
C ASN A 241 -29.26 19.50 11.37
N GLU A 242 -28.13 19.94 11.89
CA GLU A 242 -28.08 21.28 12.38
C GLU A 242 -27.52 22.16 11.31
N LYS A 243 -27.65 21.77 10.06
CA LYS A 243 -27.12 22.59 8.99
C LYS A 243 -27.83 22.37 7.69
N PHE A 244 -28.55 21.29 7.60
CA PHE A 244 -29.29 20.99 6.41
C PHE A 244 -30.66 20.55 6.85
N SER A 245 -31.47 21.55 7.17
CA SER A 245 -32.84 21.38 7.63
C SER A 245 -33.71 20.61 6.65
N THR A 246 -33.72 19.33 6.87
CA THR A 246 -34.47 18.39 6.06
C THR A 246 -34.57 18.58 4.56
N GLU A 247 -33.60 19.28 3.98
CA GLU A 247 -33.46 19.37 2.54
C GLU A 247 -33.38 17.91 2.13
N GLU A 248 -32.49 17.20 2.82
CA GLU A 248 -32.25 15.79 2.69
C GLU A 248 -32.02 15.08 1.40
N ILE A 249 -30.79 15.25 0.95
CA ILE A 249 -30.29 14.70 -0.29
C ILE A 249 -30.66 13.26 -0.61
N GLU A 250 -31.35 13.13 -1.73
CA GLU A 250 -31.78 11.85 -2.26
C GLU A 250 -31.59 11.85 -3.77
N ALA A 251 -30.52 11.18 -4.21
CA ALA A 251 -30.10 10.99 -5.62
C ALA A 251 -29.61 12.19 -6.42
N ILE A 252 -28.89 11.90 -7.49
CA ILE A 252 -28.28 12.85 -8.42
C ILE A 252 -27.58 12.04 -9.51
N LEU A 253 -27.68 12.47 -10.76
CA LEU A 253 -27.08 11.72 -11.85
C LEU A 253 -26.87 12.56 -13.08
N ASN A 266 -23.41 22.22 -11.34
CA ASN A 266 -24.32 22.75 -12.35
C ASN A 266 -25.77 22.56 -11.94
N GLU A 267 -26.06 22.49 -10.66
CA GLU A 267 -27.41 22.27 -10.22
C GLU A 267 -27.39 22.65 -8.80
N GLU A 268 -28.29 23.48 -8.32
CA GLU A 268 -28.26 23.84 -6.90
C GLU A 268 -28.36 22.66 -5.93
N LEU A 269 -29.11 21.63 -6.28
CA LEU A 269 -29.18 20.43 -5.48
C LEU A 269 -27.79 19.90 -5.34
N TYR A 270 -27.08 19.68 -6.44
CA TYR A 270 -25.72 19.15 -6.43
C TYR A 270 -24.80 19.95 -5.55
N GLN A 271 -24.91 21.27 -5.55
CA GLN A 271 -24.14 22.03 -4.63
C GLN A 271 -24.52 21.62 -3.20
N LYS A 272 -25.80 21.45 -2.89
CA LYS A 272 -26.15 21.08 -1.52
C LYS A 272 -25.54 19.75 -1.15
N VAL A 273 -25.62 18.79 -2.06
CA VAL A 273 -25.07 17.48 -1.84
C VAL A 273 -23.58 17.54 -1.71
N LYS A 274 -22.93 18.37 -2.49
CA LYS A 274 -21.51 18.58 -2.44
C LYS A 274 -21.14 18.97 -1.07
N LYS A 275 -21.82 19.93 -0.49
CA LYS A 275 -21.53 20.36 0.85
C LYS A 275 -21.83 19.34 1.94
N TYR A 276 -22.68 18.37 1.68
CA TYR A 276 -22.97 17.36 2.66
C TYR A 276 -21.82 16.40 2.65
N LYS A 277 -21.45 15.95 1.47
CA LYS A 277 -20.34 15.01 1.42
C LYS A 277 -19.04 15.63 1.93
N GLN A 278 -18.86 16.94 1.73
CA GLN A 278 -17.69 17.61 2.28
C GLN A 278 -17.73 17.63 3.80
N LEU A 279 -18.92 17.84 4.37
CA LEU A 279 -19.05 17.78 5.83
C LEU A 279 -18.76 16.39 6.34
N GLU A 280 -19.23 15.35 5.64
CA GLU A 280 -18.93 13.99 6.04
C GLU A 280 -17.43 13.69 5.98
N ASN A 281 -16.78 14.15 4.91
CA ASN A 281 -15.33 13.97 4.80
C ASN A 281 -14.60 14.69 5.92
N ALA A 282 -15.05 15.90 6.27
CA ALA A 282 -14.43 16.65 7.35
C ALA A 282 -14.62 15.94 8.69
N HIS A 283 -15.79 15.32 8.90
CA HIS A 283 -16.00 14.51 10.09
C HIS A 283 -15.05 13.32 10.11
N ARG A 284 -14.82 12.70 8.96
CA ARG A 284 -13.87 11.60 8.87
C ARG A 284 -12.45 12.07 9.22
N ARG A 285 -12.07 13.25 8.73
CA ARG A 285 -10.71 13.74 8.94
C ARG A 285 -10.44 14.13 10.39
N ARG A 286 -11.48 14.47 11.15
CA ARG A 286 -11.32 14.80 12.56
C ARG A 286 -11.35 13.58 13.46
N TYR A 287 -11.62 12.40 12.91
CA TYR A 287 -11.72 11.19 13.72
C TYR A 287 -10.35 10.80 14.27
N ARG A 288 -10.34 10.37 15.53
CA ARG A 288 -9.14 9.87 16.19
C ARG A 288 -9.43 8.48 16.74
N ILE A 289 -8.68 7.49 16.27
CA ILE A 289 -8.98 6.10 16.58
C ILE A 289 -8.72 5.82 18.06
N SER A 290 -9.58 4.99 18.65
CA SER A 290 -9.42 4.59 20.03
C SER A 290 -8.34 3.50 20.15
N ALA A 291 -7.85 3.31 21.37
CA ALA A 291 -6.85 2.28 21.62
C ALA A 291 -7.40 0.88 21.37
N ALA A 292 -8.69 0.66 21.67
CA ALA A 292 -9.28 -0.64 21.47
C ALA A 292 -9.34 -1.02 20.00
N LYS A 293 -9.75 -0.09 19.14
CA LYS A 293 -9.80 -0.37 17.71
C LYS A 293 -8.40 -0.59 17.15
N LEU A 294 -7.42 0.17 17.63
CA LEU A 294 -6.04 -0.02 17.19
C LEU A 294 -5.52 -1.40 17.59
N ALA A 295 -5.82 -1.83 18.82
CA ALA A 295 -5.41 -3.16 19.26
C ALA A 295 -6.10 -4.24 18.45
N LYS A 296 -7.38 -4.05 18.14
CA LYS A 296 -8.11 -5.02 17.33
C LYS A 296 -7.49 -5.14 15.94
N PHE A 297 -7.15 -4.02 15.32
CA PHE A 297 -6.51 -4.06 14.01
C PHE A 297 -5.13 -4.71 14.09
N ARG A 298 -4.39 -4.43 15.17
CA ARG A 298 -3.08 -5.05 15.33
C ARG A 298 -3.19 -6.56 15.45
N ALA A 299 -4.20 -7.05 16.16
CA ALA A 299 -4.41 -8.49 16.26
C ALA A 299 -4.83 -9.09 14.92
N SER A 300 -5.71 -8.39 14.19
CA SER A 300 -6.12 -8.88 12.87
C SER A 300 -4.93 -8.98 11.93
N THR A 301 -4.01 -8.01 11.99
CA THR A 301 -2.82 -8.09 11.15
C THR A 301 -1.85 -9.15 11.66
N SER A 302 -1.76 -9.35 12.98
CA SER A 302 -0.94 -10.43 13.52
C SER A 302 -1.44 -11.79 13.10
N GLN A 303 -2.72 -11.90 12.73
CA GLN A 303 -3.23 -13.15 12.16
C GLN A 303 -2.45 -13.61 10.92
N TYR A 304 -1.62 -12.75 10.33
CA TYR A 304 -0.88 -13.09 9.13
C TYR A 304 0.52 -13.66 9.41
N LEU A 305 0.98 -13.64 10.66
CA LEU A 305 2.33 -14.07 10.97
C LEU A 305 2.52 -15.55 10.65
N GLY A 306 3.73 -15.91 10.23
CA GLY A 306 4.05 -17.29 9.94
C GLY A 306 3.77 -17.67 8.50
N ALA A 307 3.73 -18.98 8.26
CA ALA A 307 3.49 -19.52 6.93
C ALA A 307 2.02 -19.84 6.77
N HIS A 308 1.42 -19.35 5.67
CA HIS A 308 0.00 -19.55 5.42
C HIS A 308 -0.25 -19.67 3.93
N ASN A 309 -1.39 -20.29 3.60
CA ASN A 309 -1.85 -20.37 2.21
C ASN A 309 -2.56 -19.07 1.86
N PHE A 310 -1.92 -18.23 1.05
CA PHE A 310 -2.45 -16.93 0.67
C PHE A 310 -3.09 -16.94 -0.71
N HIS A 311 -3.72 -18.05 -1.10
CA HIS A 311 -4.30 -18.15 -2.43
C HIS A 311 -5.45 -17.17 -2.62
N ASN A 312 -6.19 -16.88 -1.56
CA ASN A 312 -7.26 -15.89 -1.62
C ASN A 312 -6.73 -14.47 -1.63
N PHE A 313 -5.46 -14.26 -1.29
CA PHE A 313 -4.86 -12.94 -1.23
C PHE A 313 -4.04 -12.62 -2.48
N THR A 314 -4.48 -13.13 -3.62
CA THR A 314 -3.86 -12.85 -4.91
C THR A 314 -4.86 -13.21 -6.00
N LEU A 315 -4.39 -13.28 -7.24
CA LEU A 315 -5.24 -13.60 -8.38
C LEU A 315 -4.65 -14.75 -9.17
N GLY A 316 -5.51 -15.68 -9.58
CA GLY A 316 -5.08 -16.79 -10.41
C GLY A 316 -4.22 -17.82 -9.72
N LYS A 317 -4.29 -17.93 -8.41
CA LYS A 317 -3.53 -18.91 -7.66
C LYS A 317 -4.47 -19.96 -7.08
N ASP A 318 -4.21 -21.22 -7.38
CA ASP A 318 -5.03 -22.31 -6.88
C ASP A 318 -4.63 -22.66 -5.45
N PHE A 319 -5.61 -23.08 -4.66
CA PHE A 319 -5.35 -23.43 -3.26
C PHE A 319 -4.38 -24.59 -3.14
N LYS A 320 -4.41 -25.53 -4.09
CA LYS A 320 -3.56 -26.71 -4.05
C LYS A 320 -2.17 -26.49 -4.61
N GLU A 321 -1.88 -25.30 -5.14
CA GLU A 321 -0.54 -25.02 -5.65
C GLU A 321 0.42 -24.84 -4.48
N PRO A 322 1.57 -25.52 -4.49
CA PRO A 322 2.49 -25.37 -3.34
C PRO A 322 3.08 -23.98 -3.22
N SER A 323 3.21 -23.25 -4.32
CA SER A 323 3.72 -21.89 -4.28
C SER A 323 2.69 -20.89 -3.79
N ALA A 324 1.49 -21.33 -3.42
CA ALA A 324 0.50 -20.46 -2.81
C ALA A 324 0.79 -20.20 -1.34
N ILE A 325 1.74 -20.91 -0.75
CA ILE A 325 2.11 -20.72 0.65
C ILE A 325 3.17 -19.63 0.73
N ARG A 326 2.94 -18.65 1.60
CA ARG A 326 3.88 -17.55 1.83
C ARG A 326 4.16 -17.41 3.31
N PHE A 327 5.37 -16.95 3.63
CA PHE A 327 5.83 -16.81 5.00
C PHE A 327 5.98 -15.33 5.33
N MET A 328 5.16 -14.84 6.26
CA MET A 328 5.28 -13.50 6.79
C MET A 328 6.15 -13.54 8.04
N LYS A 329 7.30 -12.87 7.98
CA LYS A 329 8.23 -12.88 9.11
C LYS A 329 7.82 -11.90 10.20
N ASP A 330 7.25 -10.75 9.84
CA ASP A 330 6.90 -9.77 10.86
C ASP A 330 5.81 -8.84 10.35
N ILE A 331 4.99 -8.35 11.28
CA ILE A 331 3.96 -7.36 10.99
C ILE A 331 3.92 -6.36 12.15
N LYS A 332 4.07 -5.08 11.82
CA LYS A 332 4.09 -4.01 12.82
C LYS A 332 3.15 -2.89 12.39
N VAL A 333 2.21 -2.56 13.25
CA VAL A 333 1.30 -1.44 13.03
C VAL A 333 1.75 -0.29 13.92
N SER A 334 2.12 0.82 13.30
CA SER A 334 2.61 1.97 14.06
C SER A 334 1.48 2.61 14.87
N ASP A 335 1.89 3.44 15.84
CA ASP A 335 0.93 4.27 16.53
C ASP A 335 0.32 5.27 15.55
N PRO A 336 -0.90 5.76 15.82
CA PRO A 336 -1.49 6.75 14.92
C PRO A 336 -0.69 8.03 14.92
N PHE A 337 -0.70 8.71 13.77
CA PHE A 337 0.02 9.97 13.63
C PHE A 337 -0.75 10.88 12.68
N VAL A 338 -0.77 12.16 13.02
CA VAL A 338 -1.49 13.17 12.25
C VAL A 338 -0.52 13.85 11.31
N ILE A 339 -0.94 14.05 10.06
CA ILE A 339 -0.08 14.66 9.05
C ILE A 339 -0.95 15.36 8.03
N GLY A 340 -0.51 16.54 7.60
CA GLY A 340 -1.15 17.29 6.55
C GLY A 340 -1.89 18.51 7.07
N ASP A 341 -2.25 19.39 6.13
CA ASP A 341 -2.99 20.60 6.47
C ASP A 341 -4.37 20.26 7.02
N ALA A 342 -5.03 19.27 6.44
CA ALA A 342 -6.35 18.85 6.91
C ALA A 342 -6.28 18.05 8.21
N GLN A 343 -5.06 17.80 8.68
CA GLN A 343 -4.81 17.07 9.90
C GLN A 343 -5.56 15.78 9.95
N THR A 344 -5.14 14.86 9.14
CA THR A 344 -5.84 13.63 9.06
C THR A 344 -5.00 12.55 9.74
N GLU A 345 -5.62 11.56 10.33
CA GLU A 345 -4.90 10.53 11.08
C GLU A 345 -4.50 9.30 10.31
N TRP A 346 -3.25 8.86 10.45
CA TRP A 346 -2.78 7.74 9.66
C TRP A 346 -2.13 6.70 10.56
N ILE A 347 -2.05 5.48 10.05
CA ILE A 347 -1.25 4.41 10.66
C ILE A 347 -0.38 3.79 9.58
N SER A 348 0.80 3.34 10.00
CA SER A 348 1.76 2.68 9.12
C SER A 348 1.79 1.19 9.44
N ILE A 349 1.63 0.36 8.41
CA ILE A 349 1.64 -1.09 8.55
C ILE A 349 2.84 -1.62 7.79
N LYS A 350 3.85 -2.06 8.52
CA LYS A 350 5.06 -2.63 7.93
C LYS A 350 4.98 -4.15 7.97
N ILE A 351 5.13 -4.77 6.80
CA ILE A 351 5.03 -6.21 6.65
C ILE A 351 6.34 -6.71 6.06
N HIS A 352 7.05 -7.55 6.81
CA HIS A 352 8.27 -8.20 6.36
C HIS A 352 7.95 -9.65 6.03
N GLY A 353 8.14 -10.02 4.77
CA GLY A 353 7.80 -11.36 4.32
C GLY A 353 8.86 -11.93 3.40
N GLN A 354 8.96 -13.26 3.40
CA GLN A 354 9.94 -13.92 2.55
C GLN A 354 9.69 -13.62 1.08
N SER A 355 8.43 -13.76 0.64
CA SER A 355 8.06 -13.43 -0.72
C SER A 355 6.56 -13.15 -0.75
N PHE A 356 6.12 -12.42 -1.77
CA PHE A 356 4.74 -12.00 -1.88
C PHE A 356 4.21 -12.30 -3.28
N MET A 357 2.91 -12.55 -3.37
CA MET A 357 2.25 -12.74 -4.64
C MET A 357 1.64 -11.41 -5.09
N LEU A 358 1.06 -11.41 -6.29
CA LEU A 358 0.54 -10.17 -6.88
C LEU A 358 -0.60 -9.62 -6.03
N HIS A 359 -0.46 -8.36 -5.62
CA HIS A 359 -1.47 -7.65 -4.82
C HIS A 359 -1.74 -8.34 -3.48
N GLN A 360 -0.74 -9.05 -2.96
CA GLN A 360 -0.93 -9.73 -1.68
C GLN A 360 -1.02 -8.72 -0.53
N ILE A 361 -0.13 -7.73 -0.52
CA ILE A 361 -0.12 -6.75 0.56
C ILE A 361 -1.45 -6.01 0.65
N ARG A 362 -1.96 -5.56 -0.50
CA ARG A 362 -3.19 -4.77 -0.50
C ARG A 362 -4.39 -5.62 -0.10
N LYS A 363 -4.42 -6.88 -0.52
CA LYS A 363 -5.53 -7.74 -0.13
C LYS A 363 -5.49 -8.07 1.36
N MET A 364 -4.29 -8.35 1.89
CA MET A 364 -4.16 -8.54 3.34
C MET A 364 -4.61 -7.30 4.10
N VAL A 365 -4.21 -6.15 3.65
CA VAL A 365 -4.57 -4.95 4.30
C VAL A 365 -6.04 -4.71 4.22
N SER A 366 -6.62 -4.98 3.09
CA SER A 366 -8.01 -4.75 2.96
C SER A 366 -8.82 -5.67 3.86
N MET A 367 -8.44 -6.93 3.93
CA MET A 367 -9.08 -7.93 4.74
C MET A 367 -8.97 -7.61 6.20
N ALA A 368 -7.82 -7.24 6.68
CA ALA A 368 -7.69 -6.83 8.08
C ALA A 368 -8.56 -5.63 8.38
N THR A 369 -8.60 -4.66 7.47
CA THR A 369 -9.41 -3.46 7.69
C THR A 369 -10.90 -3.79 7.75
N LEU A 370 -11.36 -4.67 6.87
CA LEU A 370 -12.77 -5.06 6.88
C LEU A 370 -13.11 -5.82 8.15
N ILE A 371 -12.25 -6.76 8.56
CA ILE A 371 -12.47 -7.50 9.80
C ILE A 371 -12.55 -6.54 10.99
N THR A 372 -11.68 -5.53 11.02
CA THR A 372 -11.66 -4.61 12.15
C THR A 372 -12.91 -3.72 12.14
N ARG A 373 -13.23 -3.12 10.99
CA ARG A 373 -14.32 -2.15 10.92
C ARG A 373 -15.69 -2.80 10.98
N CYS A 374 -15.80 -4.10 10.70
CA CYS A 374 -17.08 -4.79 10.78
C CYS A 374 -17.29 -5.49 12.13
N GLY A 375 -16.29 -5.52 12.98
CA GLY A 375 -16.43 -6.14 14.30
C GLY A 375 -16.42 -7.65 14.29
N CYS A 376 -15.60 -8.26 13.44
CA CYS A 376 -15.55 -9.70 13.36
C CYS A 376 -14.44 -10.25 14.23
N PRO A 377 -14.55 -11.50 14.69
CA PRO A 377 -13.43 -12.13 15.40
C PRO A 377 -12.22 -12.23 14.48
N VAL A 378 -11.10 -11.68 14.93
CA VAL A 378 -9.90 -11.59 14.09
C VAL A 378 -9.45 -12.97 13.65
N GLU A 379 -9.70 -14.00 14.46
CA GLU A 379 -9.30 -15.36 14.11
C GLU A 379 -9.96 -15.82 12.81
N ARG A 380 -11.11 -15.24 12.46
CA ARG A 380 -11.77 -15.56 11.20
C ARG A 380 -10.87 -15.32 10.00
N ILE A 381 -9.85 -14.46 10.13
CA ILE A 381 -8.92 -14.23 9.03
C ILE A 381 -8.24 -15.54 8.64
N SER A 382 -7.95 -16.40 9.61
CA SER A 382 -7.33 -17.68 9.31
C SER A 382 -8.24 -18.55 8.45
N GLN A 383 -9.57 -18.38 8.58
CA GLN A 383 -10.50 -19.10 7.71
C GLN A 383 -10.28 -18.77 6.26
N ALA A 384 -9.75 -17.58 5.96
CA ALA A 384 -9.45 -17.22 4.58
C ALA A 384 -8.35 -18.09 3.96
N TYR A 385 -7.58 -18.79 4.79
CA TYR A 385 -6.56 -19.69 4.29
C TYR A 385 -7.15 -21.01 3.79
N GLY A 386 -8.42 -21.29 4.09
CA GLY A 386 -9.04 -22.51 3.64
C GLY A 386 -9.22 -22.54 2.13
N GLN A 387 -9.62 -23.71 1.63
CA GLN A 387 -9.78 -23.90 0.20
C GLN A 387 -10.94 -23.11 -0.38
N GLN A 388 -11.93 -22.77 0.44
CA GLN A 388 -13.05 -21.97 -0.03
C GLN A 388 -12.55 -20.64 -0.60
N LYS A 389 -12.99 -20.31 -1.80
CA LYS A 389 -12.53 -19.11 -2.48
C LYS A 389 -13.32 -17.90 -2.03
N ILE A 390 -12.62 -16.86 -1.59
CA ILE A 390 -13.22 -15.58 -1.24
C ILE A 390 -12.56 -14.50 -2.09
N ASN A 391 -13.36 -13.53 -2.51
CA ASN A 391 -12.87 -12.41 -3.31
C ASN A 391 -12.57 -11.24 -2.38
N ILE A 392 -11.29 -10.96 -2.15
CA ILE A 392 -10.86 -9.88 -1.28
C ILE A 392 -10.49 -8.70 -2.17
N PRO A 393 -11.27 -7.62 -2.18
CA PRO A 393 -10.90 -6.45 -2.98
C PRO A 393 -9.61 -5.83 -2.45
N LYS A 394 -8.65 -5.62 -3.36
CA LYS A 394 -7.36 -5.10 -2.96
C LYS A 394 -7.47 -3.63 -2.57
N ALA A 395 -6.71 -3.25 -1.55
CA ALA A 395 -6.71 -1.89 -1.06
C ALA A 395 -6.14 -0.95 -2.12
N PRO A 396 -6.41 0.35 -2.01
CA PRO A 396 -5.85 1.31 -2.98
C PRO A 396 -4.33 1.23 -3.05
N ALA A 397 -3.80 1.38 -4.26
CA ALA A 397 -2.35 1.37 -4.45
C ALA A 397 -1.68 2.60 -3.88
N LEU A 398 -2.45 3.66 -3.61
CA LEU A 398 -1.86 4.92 -3.17
C LEU A 398 -1.11 4.77 -1.84
N GLY A 399 -1.57 3.88 -0.96
CA GLY A 399 -0.92 3.74 0.32
C GLY A 399 0.24 2.79 0.38
N LEU A 400 0.57 2.12 -0.72
CA LEU A 400 1.56 1.05 -0.72
C LEU A 400 2.94 1.58 -1.10
N LEU A 401 3.95 1.17 -0.34
CA LEU A 401 5.35 1.48 -0.57
C LEU A 401 6.17 0.21 -0.45
N LEU A 402 7.09 0.01 -1.35
CA LEU A 402 7.98 -1.09 -1.22
C LEU A 402 9.08 -0.43 -0.47
N GLU A 403 9.31 -0.89 0.74
CA GLU A 403 10.22 -0.25 1.63
C GLU A 403 11.65 -0.59 1.28
N ALA A 404 11.94 -1.88 1.18
CA ALA A 404 13.23 -2.38 0.74
C ALA A 404 13.27 -3.82 0.37
N PRO A 405 13.91 -4.14 -0.72
CA PRO A 405 14.21 -5.57 -0.91
C PRO A 405 15.47 -5.95 -0.14
N VAL A 406 15.53 -7.20 0.28
CA VAL A 406 16.61 -7.69 1.13
C VAL A 406 17.36 -8.78 0.38
N PHE A 407 18.69 -8.75 0.47
CA PHE A 407 19.58 -9.71 -0.19
C PHE A 407 20.52 -10.30 0.86
N GLU A 408 19.97 -11.19 1.70
CA GLU A 408 20.73 -11.74 2.81
C GLU A 408 21.84 -12.66 2.31
N GLY A 409 21.49 -13.64 1.46
CA GLY A 409 22.47 -14.60 1.01
C GLY A 409 23.61 -13.96 0.23
N TYR A 410 23.29 -12.99 -0.62
CA TYR A 410 24.33 -12.30 -1.38
C TYR A 410 25.33 -11.63 -0.46
N ASN A 411 24.84 -10.86 0.52
CA ASN A 411 25.73 -10.16 1.44
C ASN A 411 26.53 -11.15 2.28
N LYS A 412 25.92 -12.26 2.69
CA LYS A 412 26.58 -13.17 3.60
C LYS A 412 27.60 -14.06 2.89
N ARG A 413 27.39 -14.39 1.62
CA ARG A 413 28.23 -15.35 0.92
C ARG A 413 29.06 -14.73 -0.20
N LEU A 414 28.95 -13.42 -0.43
CA LEU A 414 29.75 -12.77 -1.46
C LEU A 414 30.54 -11.58 -0.92
N GLU A 415 30.59 -11.39 0.41
CA GLU A 415 31.38 -10.30 0.96
C GLU A 415 32.87 -10.61 0.90
N GLN A 416 33.24 -11.90 0.95
CA GLN A 416 34.64 -12.28 0.82
C GLN A 416 35.19 -11.99 -0.57
N PHE A 417 34.34 -11.92 -1.58
CA PHE A 417 34.74 -11.61 -2.95
C PHE A 417 35.01 -10.12 -3.16
N GLY A 418 35.00 -9.32 -2.09
CA GLY A 418 35.25 -7.89 -2.19
C GLY A 418 34.06 -7.06 -2.62
N TYR A 419 32.91 -7.68 -2.88
CA TYR A 419 31.73 -6.94 -3.31
C TYR A 419 31.03 -6.34 -2.10
N LYS A 420 30.69 -5.05 -2.20
CA LYS A 420 30.01 -4.36 -1.11
C LYS A 420 28.62 -4.94 -0.90
N ALA A 421 28.20 -5.01 0.36
CA ALA A 421 26.87 -5.51 0.68
C ALA A 421 25.80 -4.54 0.20
N ILE A 422 24.62 -5.08 -0.09
CA ILE A 422 23.48 -4.29 -0.51
C ILE A 422 22.56 -4.16 0.70
N ASP A 423 22.62 -3.02 1.36
CA ASP A 423 21.83 -2.75 2.56
C ASP A 423 21.13 -1.41 2.38
N PHE A 424 19.80 -1.44 2.23
CA PHE A 424 19.06 -0.20 2.04
C PHE A 424 19.00 0.62 3.33
N SER A 425 19.11 -0.04 4.49
CA SER A 425 19.15 0.68 5.75
C SER A 425 20.33 1.63 5.84
N LYS A 426 21.36 1.43 5.07
CA LYS A 426 22.44 2.36 5.11
C LYS A 426 21.98 3.68 4.57
N TYR A 427 20.82 3.73 3.98
CA TYR A 427 20.34 4.97 3.43
C TYR A 427 19.18 5.50 4.27
N GLN A 428 18.61 4.63 5.11
CA GLN A 428 17.46 4.88 5.97
C GLN A 428 17.14 6.28 6.41
N ASP A 429 18.15 7.06 6.72
CA ASP A 429 17.81 8.44 7.05
C ASP A 429 17.42 9.24 5.80
N GLU A 430 18.22 9.12 4.73
CA GLU A 430 17.97 9.90 3.53
C GLU A 430 16.59 9.60 2.96
N VAL A 431 16.32 8.31 2.73
CA VAL A 431 14.98 7.88 2.31
C VAL A 431 13.93 8.48 3.24
N ASP A 432 14.19 8.45 4.55
CA ASP A 432 13.22 8.96 5.52
C ASP A 432 12.82 10.40 5.22
N LYS A 433 13.78 11.22 4.78
CA LYS A 433 13.44 12.57 4.37
C LYS A 433 12.61 12.53 3.09
N PHE A 434 13.12 11.85 2.06
CA PHE A 434 12.43 11.76 0.78
C PHE A 434 11.02 11.24 0.96
N LYS A 435 10.86 10.14 1.71
CA LYS A 435 9.55 9.57 1.97
C LYS A 435 8.59 10.61 2.52
N MET A 436 9.07 11.50 3.39
CA MET A 436 8.18 12.50 3.95
C MET A 436 7.93 13.66 2.99
N LYS A 437 8.89 13.96 2.13
CA LYS A 437 8.76 15.14 1.27
C LYS A 437 8.10 14.84 -0.06
N HIS A 438 8.29 13.65 -0.61
CA HIS A 438 7.83 13.36 -1.96
C HIS A 438 6.93 12.13 -2.06
N ILE A 439 6.71 11.40 -0.97
CA ILE A 439 5.84 10.22 -1.02
C ILE A 439 4.65 10.41 -0.10
N TYR A 440 4.91 10.53 1.20
CA TYR A 440 3.82 10.68 2.16
C TYR A 440 2.99 11.92 1.88
N ASP A 441 3.64 13.02 1.50
CA ASP A 441 2.91 14.25 1.19
C ASP A 441 1.99 14.05 0.00
N LYS A 442 2.47 13.38 -1.04
CA LYS A 442 1.61 13.06 -2.18
C LYS A 442 0.43 12.21 -1.75
N ILE A 443 0.67 11.26 -0.84
CA ILE A 443 -0.40 10.38 -0.37
C ILE A 443 -1.47 11.20 0.35
N TYR A 444 -1.05 12.07 1.27
N TYR A 444 -1.05 12.08 1.26
CA TYR A 444 -2.01 12.90 1.98
CA TYR A 444 -2.01 12.90 1.99
C TYR A 444 -2.77 13.82 1.04
C TYR A 444 -2.76 13.84 1.05
N LYS A 445 -2.06 14.44 0.09
CA LYS A 445 -2.70 15.37 -0.82
C LYS A 445 -3.74 14.68 -1.69
N GLU A 446 -3.39 13.51 -2.24
CA GLU A 446 -4.36 12.77 -3.05
C GLU A 446 -5.51 12.25 -2.20
N GLU A 447 -5.25 11.88 -0.95
CA GLU A 447 -6.32 11.42 -0.07
C GLU A 447 -7.31 12.53 0.21
N VAL A 448 -6.83 13.74 0.48
CA VAL A 448 -7.75 14.84 0.77
C VAL A 448 -8.34 15.45 -0.50
N ASP A 449 -7.73 15.23 -1.66
CA ASP A 449 -8.25 15.82 -2.90
C ASP A 449 -9.26 14.91 -3.60
N GLU A 450 -8.97 13.61 -3.71
CA GLU A 450 -9.82 12.69 -4.44
C GLU A 450 -10.57 11.71 -3.56
N ASN A 451 -10.31 11.70 -2.25
CA ASN A 451 -10.99 10.82 -1.30
C ASN A 451 -10.90 9.36 -1.75
N VAL A 452 -9.66 8.89 -1.90
CA VAL A 452 -9.42 7.56 -2.45
C VAL A 452 -9.94 6.48 -1.51
N PHE A 453 -9.50 6.51 -0.26
CA PHE A 453 -9.83 5.43 0.68
C PHE A 453 -11.32 5.41 1.01
N ASN A 454 -11.91 6.59 1.22
CA ASN A 454 -13.33 6.63 1.53
C ASN A 454 -14.17 6.17 0.34
N ALA A 455 -13.73 6.48 -0.88
CA ALA A 455 -14.45 5.99 -2.06
C ALA A 455 -14.36 4.48 -2.16
N PHE A 456 -13.17 3.92 -1.93
CA PHE A 456 -13.00 2.47 -1.94
C PHE A 456 -13.92 1.80 -0.93
N PHE A 457 -13.95 2.31 0.29
CA PHE A 457 -14.76 1.67 1.32
C PHE A 457 -16.25 1.94 1.14
N SER A 458 -16.61 3.07 0.51
CA SER A 458 -18.01 3.31 0.17
C SER A 458 -18.48 2.35 -0.93
N TYR A 459 -17.59 1.97 -1.85
CA TYR A 459 -17.97 0.95 -2.80
C TYR A 459 -18.10 -0.41 -2.13
N ILE A 460 -17.18 -0.74 -1.22
CA ILE A 460 -17.31 -2.01 -0.50
C ILE A 460 -18.61 -2.05 0.29
N ASP A 461 -18.95 -0.95 0.91
CA ASP A 461 -20.11 -0.84 1.72
C ASP A 461 -21.40 -1.13 0.98
N SER A 462 -21.46 -0.76 -0.28
CA SER A 462 -22.66 -0.94 -1.03
C SER A 462 -22.48 -1.94 -2.12
N PHE A 463 -22.42 -3.21 -1.78
CA PHE A 463 -22.20 -4.23 -2.80
C PHE A 463 -22.90 -5.55 -2.61
N ASN A 464 -24.22 -5.55 -2.48
CA ASN A 464 -25.01 -6.77 -2.32
C ASN A 464 -24.46 -7.69 -1.25
N LYS A 484 -19.19 -12.32 -1.73
CA LYS A 484 -18.34 -13.34 -1.18
C LYS A 484 -17.72 -12.78 0.05
N SER A 485 -17.31 -11.53 -0.01
CA SER A 485 -16.69 -10.98 1.15
C SER A 485 -17.72 -10.57 2.11
N ILE A 486 -18.87 -10.17 1.64
CA ILE A 486 -19.89 -9.73 2.54
C ILE A 486 -20.32 -10.86 3.42
N PHE A 487 -20.41 -12.03 2.89
CA PHE A 487 -20.80 -13.19 3.69
C PHE A 487 -19.75 -13.52 4.74
N GLU A 488 -18.46 -13.37 4.39
CA GLU A 488 -17.40 -13.65 5.35
C GLU A 488 -17.44 -12.68 6.53
N PHE A 489 -17.85 -11.44 6.29
CA PHE A 489 -17.88 -10.42 7.33
C PHE A 489 -19.17 -10.46 8.17
N LEU A 490 -19.94 -11.48 7.99
CA LEU A 490 -21.08 -11.64 8.81
C LEU A 490 -20.69 -12.47 9.98
N THR A 491 -21.65 -12.66 10.85
CA THR A 491 -21.48 -13.48 12.01
C THR A 491 -21.38 -14.89 11.59
N ALA A 492 -22.17 -15.23 10.59
CA ALA A 492 -22.14 -16.53 10.03
C ALA A 492 -21.30 -16.35 8.79
N LYS A 493 -20.37 -17.24 8.54
CA LYS A 493 -19.57 -17.08 7.33
C LYS A 493 -20.22 -17.91 6.26
N GLY A 494 -19.79 -19.15 6.17
CA GLY A 494 -20.34 -20.08 5.24
C GLY A 494 -20.29 -21.47 5.84
N ILE A 495 -19.08 -21.85 6.27
CA ILE A 495 -18.81 -23.14 6.87
C ILE A 495 -17.42 -23.14 7.50
S SO4 C . 8.17 -9.52 -8.62
O1 SO4 C . 8.84 -9.42 -9.90
O2 SO4 C . 6.77 -9.90 -8.83
O3 SO4 C . 8.22 -8.24 -7.94
O4 SO4 C . 8.82 -10.53 -7.79
CL CL D . 3.19 -3.82 -6.09
#